data_9KS6
#
_entry.id   9KS6
#
_cell.length_a   81.93
_cell.length_b   81.93
_cell.length_c   169.031
_cell.angle_alpha   90.0
_cell.angle_beta   90.0
_cell.angle_gamma   120.0
#
_symmetry.space_group_name_H-M   'P 61 2 2'
#
_entity_poly.entity_id   1
_entity_poly.type   'polypeptide(L)'
_entity_poly.pdbx_seq_one_letter_code
;QWALEDFEIGRPLGKGKFGNVYLAREKQSKFILAL(A1EG1)VLFKAQLEKAGVEHQLRREVEIQSHLRHPNILRLYGYF
HDATRVYLILEYAPLGTVYRELQKLSKFDEQRTATYITELANALSYCHSKRVIHRDIKPENLLLGSAGELKIADFGWSVH
APSSRRTTLCGTLDYLPPEMIEGRMHDEKVDLWSLGVLCYEFLVGKPPFEANTYQETYKRISRVEFTFPDFVTEGARDLI
SRLLKHNPSQRPMLREVLEHPWITANSSKPS
;
_entity_poly.pdbx_strand_id   A
#
# COMPACT_ATOMS: atom_id res chain seq x y z
N GLN A 1 -8.29 -10.76 -23.79
CA GLN A 1 -7.48 -10.67 -25.00
C GLN A 1 -6.28 -11.61 -24.91
N TRP A 2 -6.04 -12.15 -23.72
CA TRP A 2 -4.91 -13.04 -23.48
C TRP A 2 -5.37 -14.45 -23.14
N ALA A 3 -4.39 -15.30 -22.83
CA ALA A 3 -4.67 -16.68 -22.43
C ALA A 3 -3.54 -17.21 -21.55
N LEU A 4 -3.81 -18.29 -20.83
CA LEU A 4 -2.83 -18.88 -19.93
C LEU A 4 -1.70 -19.54 -20.72
N GLU A 5 -1.95 -19.82 -22.00
CA GLU A 5 -0.95 -20.42 -22.87
C GLU A 5 0.08 -19.40 -23.33
N ASP A 6 -0.22 -18.12 -23.13
CA ASP A 6 0.69 -17.05 -23.55
C ASP A 6 1.85 -16.88 -22.57
N PHE A 7 1.76 -17.51 -21.41
CA PHE A 7 2.75 -17.33 -20.37
C PHE A 7 3.36 -18.64 -19.87
N GLU A 8 4.62 -18.58 -19.47
CA GLU A 8 5.26 -19.68 -18.76
C GLU A 8 5.24 -19.38 -17.27
N ILE A 9 4.52 -20.21 -16.51
CA ILE A 9 4.37 -19.98 -15.08
C ILE A 9 5.60 -20.44 -14.31
N GLY A 10 6.16 -19.54 -13.51
CA GLY A 10 7.34 -19.86 -12.72
C GLY A 10 7.01 -20.22 -11.29
N ARG A 11 7.82 -19.75 -10.36
CA ARG A 11 7.61 -20.04 -8.95
C ARG A 11 6.55 -19.12 -8.34
N PRO A 12 5.84 -19.61 -7.32
CA PRO A 12 4.87 -18.77 -6.61
C PRO A 12 5.53 -17.68 -5.79
N LEU A 13 5.22 -16.41 -6.11
CA LEU A 13 5.78 -15.29 -5.38
C LEU A 13 5.09 -15.11 -4.04
N GLY A 14 3.83 -15.51 -3.97
CA GLY A 14 3.06 -15.40 -2.75
C GLY A 14 1.73 -16.12 -2.80
N LYS A 15 1.26 -16.59 -1.66
CA LYS A 15 -0.01 -17.29 -1.57
C LYS A 15 -1.04 -16.48 -0.80
N GLY A 16 -2.26 -16.44 -1.31
CA GLY A 16 -3.33 -15.69 -0.67
C GLY A 16 -4.62 -16.49 -0.59
N LYS A 17 -5.61 -15.95 0.12
CA LYS A 17 -6.88 -16.63 0.31
C LYS A 17 -7.69 -16.69 -0.97
N PHE A 18 -7.69 -15.60 -1.74
CA PHE A 18 -8.45 -15.53 -2.97
C PHE A 18 -7.72 -16.16 -4.15
N GLY A 19 -6.43 -16.41 -3.97
CA GLY A 19 -5.63 -17.02 -5.03
C GLY A 19 -4.14 -16.83 -4.79
N ASN A 20 -3.35 -17.07 -5.83
CA ASN A 20 -1.90 -16.97 -5.71
C ASN A 20 -1.31 -16.06 -6.78
N VAL A 21 -0.10 -15.56 -6.52
CA VAL A 21 0.62 -14.77 -7.50
C VAL A 21 1.92 -15.47 -7.89
N TYR A 22 2.05 -15.77 -9.18
CA TYR A 22 3.22 -16.48 -9.68
C TYR A 22 4.10 -15.58 -10.54
N LEU A 23 5.39 -15.90 -10.58
CA LEU A 23 6.28 -15.26 -11.55
C LEU A 23 5.99 -15.86 -12.91
N ALA A 24 5.93 -15.03 -13.94
CA ALA A 24 5.57 -15.51 -15.26
C ALA A 24 6.30 -14.76 -16.38
N ARG A 25 6.50 -15.45 -17.50
CA ARG A 25 7.15 -14.85 -18.65
C ARG A 25 6.30 -15.04 -19.90
N GLU A 26 5.96 -13.92 -20.56
CA GLU A 26 5.23 -13.97 -21.82
C GLU A 26 6.12 -14.59 -22.89
N LYS A 27 5.62 -15.62 -23.55
CA LYS A 27 6.43 -16.42 -24.47
C LYS A 27 6.91 -15.65 -25.71
N GLN A 28 6.04 -14.80 -26.25
CA GLN A 28 6.34 -14.11 -27.51
C GLN A 28 7.40 -13.03 -27.37
N SER A 29 7.54 -12.46 -26.17
CA SER A 29 8.45 -11.35 -25.98
C SER A 29 9.46 -11.59 -24.85
N LYS A 30 9.39 -12.76 -24.23
CA LYS A 30 10.25 -13.11 -23.10
C LYS A 30 10.12 -12.08 -21.97
N PHE A 31 8.92 -11.55 -21.80
CA PHE A 31 8.68 -10.48 -20.83
C PHE A 31 8.37 -11.04 -19.44
N ILE A 32 9.25 -10.73 -18.48
CA ILE A 32 9.04 -11.15 -17.10
C ILE A 32 7.99 -10.28 -16.42
N LEU A 33 6.95 -10.92 -15.89
CA LEU A 33 5.88 -10.21 -15.23
C LEU A 33 5.32 -11.02 -14.06
N ALA A 34 4.41 -10.41 -13.31
CA ALA A 34 3.73 -11.09 -12.22
C ALA A 34 2.32 -11.47 -12.63
N LEU A 35 1.98 -12.73 -12.44
CA LEU A 35 0.65 -13.22 -12.81
C LEU A 35 -0.12 -13.65 -11.56
N A1EG1 A 36 -1.23 -12.96 -11.29
CA A1EG1 A 36 -2.03 -13.22 -10.11
C11 A1EG1 A 36 3.63 -11.97 -0.81
C A1EG1 A 36 -3.32 -13.95 -10.46
O A1EG1 A 36 -4.20 -13.40 -11.12
CB A1EG1 A 36 -2.34 -11.91 -9.39
CG A1EG1 A 36 -3.33 -12.03 -8.25
CD A1EG1 A 36 -3.67 -10.67 -7.66
CE A1EG1 A 36 -2.52 -10.12 -6.81
NZ A1EG1 A 36 -2.94 -9.84 -5.40
C10 A1EG1 A 36 4.79 -11.24 -1.45
N12 A1EG1 A 36 2.46 -11.88 -1.55
C13 A1EG1 A 36 1.62 -11.11 -1.03
C15 A1EG1 A 36 -0.10 -9.95 -2.68
C17 A1EG1 A 36 -2.09 -9.02 -4.41
C20 A1EG1 A 36 -3.39 -10.91 -4.43
C22 A1EG1 A 36 -2.22 -11.20 -3.52
C24 A1EG1 A 36 -0.53 -12.40 -1.88
C26 A1EG1 A 36 4.00 -12.04 -3.46
C28 A1EG1 A 36 7.31 -10.21 -5.40
C01 A1EG1 A 36 12.59 -10.92 0.19
C02 A1EG1 A 36 12.19 -11.77 -0.56
C03 A1EG1 A 36 11.69 -12.84 -1.52
N04 A1EG1 A 36 10.37 -12.50 -1.97
C05 A1EG1 A 36 10.20 -11.68 -3.14
C06 A1EG1 A 36 8.81 -11.33 -3.63
N07 A1EG1 A 36 7.65 -11.74 -2.89
C08 A1EG1 A 36 6.31 -11.38 -3.39
N09 A1EG1 A 36 5.11 -11.77 -2.69
C14 A1EG1 A 36 0.32 -11.16 -1.87
C16 A1EG1 A 36 -1.41 -10.01 -3.51
O18 A1EG1 A 36 -3.01 -8.30 -3.69
N21 A1EG1 A 36 -4.37 -11.75 -4.69
C23 A1EG1 A 36 -1.80 -12.44 -2.70
C25 A1EG1 A 36 2.67 -11.55 -2.89
N27 A1EG1 A 36 6.17 -10.62 -4.64
N29 A1EG1 A 36 7.16 -9.46 -6.63
C30 A1EG1 A 36 5.88 -9.07 -7.19
N31 A1EG1 A 36 5.72 -8.25 -8.27
N32 A1EG1 A 36 4.36 -8.11 -8.51
C33 A1EG1 A 36 3.69 -8.84 -7.58
C34 A1EG1 A 36 2.17 -8.98 -7.47
C35 A1EG1 A 36 1.62 -9.08 -6.05
C36 A1EG1 A 36 1.44 -7.80 -6.85
C37 A1EG1 A 36 4.62 -9.44 -6.77
C38 A1EG1 A 36 8.65 -10.56 -4.90
O39 A1EG1 A 36 11.18 -11.27 -3.73
N VAL A 37 -3.44 -15.20 -10.01
CA VAL A 37 -4.63 -16.00 -10.28
C VAL A 37 -5.67 -15.83 -9.18
N LEU A 38 -6.94 -15.76 -9.58
CA LEU A 38 -8.04 -15.58 -8.63
C LEU A 38 -9.24 -16.42 -9.05
N PHE A 39 -9.66 -17.32 -8.18
CA PHE A 39 -10.83 -18.16 -8.45
C PHE A 39 -12.11 -17.34 -8.44
N LYS A 40 -12.92 -17.50 -9.49
CA LYS A 40 -14.17 -16.74 -9.62
C LYS A 40 -15.20 -17.11 -8.55
N ALA A 41 -15.23 -18.38 -8.17
CA ALA A 41 -16.18 -18.86 -7.18
C ALA A 41 -15.97 -18.18 -5.83
N GLN A 42 -14.72 -17.90 -5.50
CA GLN A 42 -14.38 -17.26 -4.23
C GLN A 42 -14.71 -15.76 -4.27
N LEU A 43 -14.56 -15.15 -5.43
CA LEU A 43 -14.88 -13.74 -5.61
C LEU A 43 -16.39 -13.51 -5.51
N GLU A 44 -17.16 -14.52 -5.89
CA GLU A 44 -18.61 -14.44 -5.81
C GLU A 44 -19.12 -14.75 -4.40
N LYS A 45 -18.42 -15.66 -3.73
CA LYS A 45 -18.80 -16.06 -2.37
C LYS A 45 -18.61 -14.90 -1.39
N ALA A 46 -17.67 -14.01 -1.71
CA ALA A 46 -17.42 -12.84 -0.87
C ALA A 46 -18.03 -11.59 -1.52
N GLY A 47 -18.48 -11.72 -2.75
CA GLY A 47 -19.15 -10.65 -3.45
C GLY A 47 -18.25 -9.47 -3.79
N VAL A 48 -16.95 -9.73 -3.85
CA VAL A 48 -15.98 -8.68 -4.18
C VAL A 48 -15.67 -8.68 -5.67
N GLU A 49 -16.51 -9.37 -6.44
CA GLU A 49 -16.33 -9.46 -7.89
C GLU A 49 -16.43 -8.08 -8.55
N HIS A 50 -17.36 -7.27 -8.06
CA HIS A 50 -17.58 -5.94 -8.62
C HIS A 50 -16.56 -4.94 -8.10
N GLN A 51 -16.18 -5.08 -6.84
CA GLN A 51 -15.18 -4.21 -6.25
C GLN A 51 -13.84 -4.45 -6.93
N LEU A 52 -13.53 -5.72 -7.18
CA LEU A 52 -12.35 -6.09 -7.94
C LEU A 52 -12.44 -5.51 -9.35
N ARG A 53 -13.65 -5.56 -9.91
CA ARG A 53 -13.90 -5.04 -11.24
C ARG A 53 -13.59 -3.55 -11.32
N ARG A 54 -14.14 -2.79 -10.39
CA ARG A 54 -13.95 -1.34 -10.35
C ARG A 54 -12.51 -0.97 -10.04
N GLU A 55 -11.86 -1.74 -9.17
CA GLU A 55 -10.49 -1.46 -8.78
C GLU A 55 -9.52 -1.71 -9.93
N VAL A 56 -9.87 -2.66 -10.80
CA VAL A 56 -9.08 -2.90 -12.01
C VAL A 56 -9.25 -1.75 -12.99
N GLU A 57 -10.48 -1.26 -13.11
CA GLU A 57 -10.79 -0.13 -13.97
C GLU A 57 -10.01 1.12 -13.55
N ILE A 58 -9.99 1.39 -12.26
CA ILE A 58 -9.27 2.54 -11.72
C ILE A 58 -7.77 2.38 -11.90
N GLN A 59 -7.27 1.17 -11.65
CA GLN A 59 -5.84 0.89 -11.71
C GLN A 59 -5.27 1.09 -13.11
N SER A 60 -6.08 0.79 -14.13
CA SER A 60 -5.63 0.91 -15.52
C SER A 60 -5.32 2.35 -15.91
N HIS A 61 -6.06 3.29 -15.34
CA HIS A 61 -5.89 4.71 -15.65
C HIS A 61 -4.73 5.33 -14.89
N LEU A 62 -4.00 4.52 -14.14
CA LEU A 62 -2.90 5.01 -13.31
C LEU A 62 -1.53 4.70 -13.93
N ARG A 63 -0.71 5.74 -14.06
CA ARG A 63 0.64 5.59 -14.59
C ARG A 63 1.63 6.36 -13.74
N HIS A 64 2.34 5.65 -12.87
CA HIS A 64 3.28 6.28 -11.94
C HIS A 64 4.34 5.27 -11.51
N PRO A 65 5.61 5.71 -11.43
CA PRO A 65 6.72 4.83 -11.07
C PRO A 65 6.59 4.24 -9.66
N ASN A 66 5.91 4.95 -8.77
CA ASN A 66 5.72 4.48 -7.41
C ASN A 66 4.39 3.74 -7.25
N ILE A 67 3.81 3.34 -8.37
CA ILE A 67 2.59 2.55 -8.38
C ILE A 67 2.78 1.35 -9.29
N LEU A 68 2.48 0.15 -8.77
CA LEU A 68 2.65 -1.07 -9.55
C LEU A 68 1.78 -1.06 -10.80
N ARG A 69 2.41 -1.26 -11.94
CA ARG A 69 1.71 -1.20 -13.23
C ARG A 69 0.79 -2.41 -13.42
N LEU A 70 -0.38 -2.16 -13.98
CA LEU A 70 -1.30 -3.23 -14.37
C LEU A 70 -1.36 -3.33 -15.89
N TYR A 71 -0.73 -4.37 -16.43
CA TYR A 71 -0.64 -4.53 -17.88
C TYR A 71 -1.97 -4.91 -18.50
N GLY A 72 -2.62 -5.93 -17.97
CA GLY A 72 -3.89 -6.39 -18.49
C GLY A 72 -4.53 -7.46 -17.63
N TYR A 73 -5.57 -8.10 -18.17
CA TYR A 73 -6.30 -9.13 -17.45
C TYR A 73 -7.10 -10.01 -18.40
N PHE A 74 -7.45 -11.21 -17.93
CA PHE A 74 -8.25 -12.15 -18.71
C PHE A 74 -8.79 -13.26 -17.81
N HIS A 75 -9.68 -14.08 -18.36
CA HIS A 75 -10.25 -15.19 -17.60
C HIS A 75 -10.57 -16.38 -18.52
N ASP A 76 -10.71 -17.57 -17.94
CA ASP A 76 -11.03 -18.76 -18.72
C ASP A 76 -12.46 -19.39 -18.66
N ALA A 77 -13.38 -19.03 -17.76
CA ALA A 77 -13.25 -18.04 -16.68
C ALA A 77 -13.22 -18.72 -15.32
N THR A 78 -12.72 -19.96 -15.31
CA THR A 78 -12.58 -20.74 -14.08
C THR A 78 -11.83 -19.95 -13.01
N ARG A 79 -10.88 -19.13 -13.47
CA ARG A 79 -10.16 -18.21 -12.59
C ARG A 79 -9.97 -16.86 -13.28
N VAL A 80 -9.62 -15.85 -12.50
CA VAL A 80 -9.34 -14.52 -13.04
C VAL A 80 -7.86 -14.20 -12.94
N TYR A 81 -7.25 -13.86 -14.07
CA TYR A 81 -5.81 -13.61 -14.14
C TYR A 81 -5.50 -12.13 -14.31
N LEU A 82 -4.52 -11.65 -13.55
CA LEU A 82 -4.11 -10.25 -13.62
C LEU A 82 -2.65 -10.12 -14.04
N ILE A 83 -2.41 -9.46 -15.16
CA ILE A 83 -1.05 -9.24 -15.65
C ILE A 83 -0.40 -8.08 -14.90
N LEU A 84 0.54 -8.39 -14.02
CA LEU A 84 1.11 -7.38 -13.13
C LEU A 84 2.58 -7.12 -13.39
N GLU A 85 3.03 -5.93 -13.02
CA GLU A 85 4.45 -5.59 -13.05
C GLU A 85 5.19 -6.40 -12.00
N TYR A 86 6.36 -6.91 -12.35
CA TYR A 86 7.16 -7.70 -11.42
C TYR A 86 8.13 -6.82 -10.64
N ALA A 87 7.98 -6.82 -9.31
CA ALA A 87 8.87 -6.09 -8.42
C ALA A 87 9.82 -7.05 -7.71
N PRO A 88 11.07 -7.13 -8.19
CA PRO A 88 12.09 -8.10 -7.76
C PRO A 88 12.39 -8.10 -6.26
N LEU A 89 12.52 -6.93 -5.65
CA LEU A 89 13.01 -6.84 -4.28
C LEU A 89 11.92 -7.08 -3.23
N GLY A 90 10.78 -7.61 -3.65
CA GLY A 90 9.75 -8.04 -2.73
C GLY A 90 9.00 -6.95 -1.99
N THR A 91 8.36 -7.34 -0.90
CA THR A 91 7.52 -6.41 -0.13
C THR A 91 8.30 -5.67 0.95
N VAL A 92 7.79 -4.52 1.35
CA VAL A 92 8.35 -3.76 2.46
C VAL A 92 8.12 -4.53 3.76
N TYR A 93 7.02 -5.27 3.81
CA TYR A 93 6.67 -6.09 4.96
C TYR A 93 7.78 -7.06 5.34
N ARG A 94 8.35 -7.73 4.34
CA ARG A 94 9.45 -8.67 4.60
C ARG A 94 10.74 -7.91 4.92
N GLU A 95 10.95 -6.79 4.25
CA GLU A 95 12.12 -5.95 4.54
C GLU A 95 12.05 -5.44 5.96
N LEU A 96 10.83 -5.22 6.44
CA LEU A 96 10.61 -4.72 7.79
C LEU A 96 10.88 -5.81 8.82
N GLN A 97 10.48 -7.04 8.51
CA GLN A 97 10.69 -8.15 9.43
C GLN A 97 12.11 -8.71 9.31
N LYS A 98 12.90 -8.10 8.42
CA LYS A 98 14.29 -8.50 8.24
C LYS A 98 15.24 -7.50 8.90
N LEU A 99 14.81 -6.25 9.00
CA LEU A 99 15.63 -5.21 9.59
C LEU A 99 15.03 -4.70 10.90
N SER A 100 13.88 -5.25 11.29
CA SER A 100 13.13 -4.83 12.47
C SER A 100 12.68 -3.37 12.41
N LYS A 101 13.63 -2.46 12.26
CA LYS A 101 13.32 -1.04 12.13
C LYS A 101 13.93 -0.47 10.86
N PHE A 102 13.40 0.66 10.41
CA PHE A 102 14.01 1.41 9.32
C PHE A 102 14.64 2.69 9.85
N ASP A 103 15.83 3.01 9.37
CA ASP A 103 16.47 4.26 9.75
C ASP A 103 15.65 5.44 9.23
N GLU A 104 15.96 6.64 9.71
CA GLU A 104 15.18 7.81 9.35
C GLU A 104 15.28 8.17 7.87
N GLN A 105 16.42 7.85 7.26
CA GLN A 105 16.61 8.13 5.83
C GLN A 105 15.76 7.20 4.96
N ARG A 106 15.80 5.90 5.28
CA ARG A 106 15.01 4.93 4.52
C ARG A 106 13.51 5.16 4.70
N THR A 107 13.14 5.55 5.92
CA THR A 107 11.75 5.82 6.24
C THR A 107 11.22 7.04 5.47
N ALA A 108 11.94 8.15 5.58
CA ALA A 108 11.54 9.40 4.94
C ALA A 108 11.49 9.26 3.42
N THR A 109 12.39 8.45 2.87
CA THR A 109 12.42 8.21 1.43
C THR A 109 11.18 7.44 0.99
N TYR A 110 10.82 6.42 1.76
CA TYR A 110 9.61 5.65 1.48
C TYR A 110 8.36 6.51 1.56
N ILE A 111 8.31 7.37 2.58
CA ILE A 111 7.18 8.28 2.77
C ILE A 111 7.08 9.26 1.60
N THR A 112 8.21 9.72 1.10
CA THR A 112 8.26 10.62 -0.04
C THR A 112 7.71 9.95 -1.29
N GLU A 113 8.17 8.74 -1.57
CA GLU A 113 7.71 7.99 -2.73
C GLU A 113 6.22 7.71 -2.64
N LEU A 114 5.74 7.46 -1.42
CA LEU A 114 4.32 7.24 -1.17
C LEU A 114 3.52 8.52 -1.40
N ALA A 115 4.00 9.62 -0.81
CA ALA A 115 3.33 10.90 -0.93
C ALA A 115 3.24 11.36 -2.37
N ASN A 116 4.32 11.17 -3.12
CA ASN A 116 4.33 11.51 -4.54
C ASN A 116 3.30 10.72 -5.32
N ALA A 117 3.23 9.42 -5.04
CA ALA A 117 2.27 8.54 -5.70
C ALA A 117 0.84 8.92 -5.32
N LEU A 118 0.63 9.22 -4.04
CA LEU A 118 -0.70 9.59 -3.56
C LEU A 118 -1.09 10.99 -4.04
N SER A 119 -0.10 11.87 -4.19
CA SER A 119 -0.35 13.21 -4.72
C SER A 119 -0.75 13.12 -6.18
N TYR A 120 -0.15 12.15 -6.89
CA TYR A 120 -0.51 11.87 -8.27
C TYR A 120 -1.93 11.32 -8.33
N CYS A 121 -2.29 10.50 -7.35
CA CYS A 121 -3.61 9.91 -7.29
C CYS A 121 -4.68 10.97 -6.97
N HIS A 122 -4.42 11.78 -5.96
CA HIS A 122 -5.36 12.83 -5.55
C HIS A 122 -5.59 13.83 -6.67
N SER A 123 -4.59 14.00 -7.53
CA SER A 123 -4.72 14.87 -8.69
C SER A 123 -5.68 14.28 -9.71
N LYS A 124 -5.75 12.94 -9.75
CA LYS A 124 -6.67 12.26 -10.64
C LYS A 124 -7.93 11.84 -9.89
N ARG A 125 -8.12 12.43 -8.70
CA ARG A 125 -9.31 12.23 -7.89
C ARG A 125 -9.57 10.78 -7.50
N VAL A 126 -8.50 10.01 -7.32
CA VAL A 126 -8.64 8.64 -6.84
C VAL A 126 -8.03 8.49 -5.45
N ILE A 127 -8.80 7.92 -4.54
CA ILE A 127 -8.39 7.79 -3.15
C ILE A 127 -7.99 6.35 -2.85
N HIS A 128 -7.26 6.14 -1.76
CA HIS A 128 -6.83 4.81 -1.37
C HIS A 128 -7.53 4.36 -0.09
N ARG A 129 -8.02 3.13 -0.09
CA ARG A 129 -8.75 2.58 1.06
C ARG A 129 -7.85 2.49 2.30
N ASP A 130 -6.84 1.64 2.23
CA ASP A 130 -5.87 1.50 3.30
C ASP A 130 -4.55 0.96 2.77
N ILE A 131 -3.44 1.43 3.34
CA ILE A 131 -2.13 1.03 2.86
C ILE A 131 -1.40 0.15 3.88
N LYS A 132 -1.03 -1.06 3.44
CA LYS A 132 -0.28 -1.98 4.29
C LYS A 132 1.12 -2.18 3.73
N PRO A 133 2.10 -2.42 4.62
CA PRO A 133 3.46 -2.75 4.20
C PRO A 133 3.48 -4.02 3.36
N GLU A 134 2.51 -4.89 3.62
CA GLU A 134 2.33 -6.12 2.86
C GLU A 134 2.06 -5.82 1.39
N ASN A 135 1.38 -4.70 1.14
CA ASN A 135 1.00 -4.31 -0.20
C ASN A 135 1.93 -3.26 -0.79
N LEU A 136 3.12 -3.16 -0.23
CA LEU A 136 4.13 -2.24 -0.74
C LEU A 136 5.31 -3.01 -1.30
N LEU A 137 5.46 -2.99 -2.63
CA LEU A 137 6.53 -3.73 -3.29
C LEU A 137 7.76 -2.87 -3.53
N LEU A 138 8.85 -3.50 -3.94
CA LEU A 138 10.10 -2.78 -4.20
C LEU A 138 10.65 -3.09 -5.58
N GLY A 139 10.92 -2.05 -6.36
CA GLY A 139 11.43 -2.22 -7.71
C GLY A 139 12.88 -2.68 -7.76
N SER A 140 13.40 -2.85 -8.96
CA SER A 140 14.76 -3.35 -9.16
C SER A 140 15.80 -2.39 -8.59
N ALA A 141 15.49 -1.09 -8.60
CA ALA A 141 16.37 -0.09 -8.02
C ALA A 141 16.02 0.16 -6.57
N GLY A 142 15.02 -0.56 -6.07
CA GLY A 142 14.60 -0.44 -4.69
C GLY A 142 13.50 0.58 -4.48
N GLU A 143 12.90 1.04 -5.58
CA GLU A 143 11.83 2.03 -5.49
C GLU A 143 10.56 1.39 -4.95
N LEU A 144 9.82 2.16 -4.15
CA LEU A 144 8.60 1.66 -3.53
C LEU A 144 7.43 1.69 -4.51
N LYS A 145 6.60 0.66 -4.46
CA LYS A 145 5.45 0.57 -5.37
C LYS A 145 4.19 0.10 -4.63
N ILE A 146 3.07 0.77 -4.89
CA ILE A 146 1.78 0.41 -4.32
C ILE A 146 1.10 -0.64 -5.21
N ALA A 147 0.57 -1.70 -4.60
CA ALA A 147 0.10 -2.84 -5.39
C ALA A 147 -1.09 -3.59 -4.79
N ASP A 148 -1.96 -2.90 -4.06
CA ASP A 148 -3.12 -3.55 -3.45
C ASP A 148 -4.39 -3.31 -4.25
N PHE A 149 -4.34 -2.35 -5.15
CA PHE A 149 -5.50 -1.92 -5.95
C PHE A 149 -6.62 -1.39 -5.07
N GLY A 150 -6.29 -1.03 -3.83
CA GLY A 150 -7.30 -0.57 -2.89
C GLY A 150 -7.72 0.87 -3.12
N TRP A 151 -8.49 1.09 -4.19
CA TRP A 151 -8.95 2.43 -4.52
C TRP A 151 -10.44 2.58 -4.26
N THR A 166 -8.18 -6.72 9.55
CA THR A 166 -7.21 -6.02 10.38
C THR A 166 -7.41 -4.51 10.30
N LEU A 167 -7.55 -3.88 11.46
CA LEU A 167 -7.85 -2.45 11.53
C LEU A 167 -6.60 -1.59 11.66
N ASP A 168 -5.44 -2.23 11.73
CA ASP A 168 -4.17 -1.55 12.02
C ASP A 168 -3.91 -0.30 11.18
N TYR A 169 -4.43 -0.26 9.97
CA TYR A 169 -4.12 0.82 9.04
C TYR A 169 -5.36 1.62 8.63
N LEU A 170 -6.49 1.33 9.27
CA LEU A 170 -7.73 2.03 8.96
C LEU A 170 -7.90 3.27 9.83
N PRO A 171 -8.31 4.38 9.22
CA PRO A 171 -8.55 5.65 9.91
C PRO A 171 -9.74 5.55 10.87
N PRO A 172 -9.78 6.42 11.89
CA PRO A 172 -10.89 6.41 12.85
C PRO A 172 -12.24 6.67 12.19
N GLU A 173 -12.30 7.60 11.24
CA GLU A 173 -13.55 7.93 10.58
C GLU A 173 -14.05 6.78 9.72
N MET A 174 -13.14 5.88 9.35
CA MET A 174 -13.48 4.77 8.48
C MET A 174 -13.97 3.55 9.27
N ILE A 175 -13.56 3.47 10.54
CA ILE A 175 -13.99 2.37 11.40
C ILE A 175 -15.22 2.75 12.22
N GLU A 176 -15.48 4.04 12.34
CA GLU A 176 -16.63 4.51 13.10
C GLU A 176 -17.89 4.52 12.23
N GLY A 177 -17.72 4.25 10.94
CA GLY A 177 -18.83 4.22 10.01
C GLY A 177 -19.08 5.56 9.36
N ARG A 178 -18.32 6.56 9.79
CA ARG A 178 -18.46 7.92 9.25
C ARG A 178 -17.92 8.00 7.83
N MET A 179 -18.29 9.06 7.12
CA MET A 179 -17.81 9.29 5.76
C MET A 179 -16.32 9.62 5.77
N HIS A 180 -15.66 9.34 4.64
CA HIS A 180 -14.21 9.54 4.56
C HIS A 180 -13.81 10.17 3.23
N ASP A 181 -12.73 10.94 3.23
CA ASP A 181 -12.24 11.57 2.01
C ASP A 181 -10.77 11.25 1.76
N GLU A 182 -10.08 12.17 1.10
CA GLU A 182 -8.69 11.98 0.70
C GLU A 182 -7.75 11.99 1.90
N LYS A 183 -8.25 12.45 3.04
CA LYS A 183 -7.46 12.54 4.26
C LYS A 183 -7.18 11.16 4.86
N VAL A 184 -7.79 10.14 4.27
CA VAL A 184 -7.54 8.75 4.68
C VAL A 184 -6.09 8.37 4.42
N ASP A 185 -5.59 8.75 3.25
CA ASP A 185 -4.24 8.41 2.83
C ASP A 185 -3.17 9.02 3.72
N LEU A 186 -3.45 10.20 4.26
CA LEU A 186 -2.51 10.88 5.14
C LEU A 186 -2.46 10.22 6.51
N TRP A 187 -3.58 9.63 6.92
CA TRP A 187 -3.60 8.84 8.15
C TRP A 187 -2.74 7.60 7.96
N SER A 188 -2.83 7.01 6.77
CA SER A 188 -2.05 5.82 6.45
C SER A 188 -0.56 6.12 6.45
N LEU A 189 -0.19 7.31 5.99
CA LEU A 189 1.21 7.73 6.00
C LEU A 189 1.73 7.83 7.43
N GLY A 190 0.88 8.29 8.34
CA GLY A 190 1.24 8.40 9.74
C GLY A 190 1.47 7.05 10.38
N VAL A 191 0.61 6.10 10.03
CA VAL A 191 0.72 4.74 10.56
C VAL A 191 1.94 4.04 9.99
N LEU A 192 2.17 4.21 8.69
CA LEU A 192 3.31 3.59 8.01
C LEU A 192 4.63 4.17 8.49
N CYS A 193 4.70 5.50 8.61
CA CYS A 193 5.91 6.17 9.06
C CYS A 193 6.31 5.71 10.45
N TYR A 194 5.31 5.53 11.31
CA TYR A 194 5.53 5.03 12.67
C TYR A 194 6.09 3.61 12.62
N GLU A 195 5.40 2.74 11.89
CA GLU A 195 5.78 1.33 11.82
C GLU A 195 7.17 1.15 11.21
N PHE A 196 7.52 2.03 10.28
CA PHE A 196 8.84 1.98 9.65
C PHE A 196 9.93 2.26 10.68
N LEU A 197 9.68 3.20 11.58
CA LEU A 197 10.66 3.61 12.57
C LEU A 197 10.64 2.71 13.81
N VAL A 198 9.46 2.24 14.19
CA VAL A 198 9.30 1.47 15.41
C VAL A 198 9.34 -0.03 15.16
N GLY A 199 8.69 -0.47 14.08
CA GLY A 199 8.66 -1.88 13.75
C GLY A 199 7.27 -2.48 13.93
N LYS A 200 6.38 -1.68 14.51
CA LYS A 200 5.00 -2.12 14.75
C LYS A 200 4.04 -0.95 14.61
N PRO A 201 2.81 -1.21 14.15
CA PRO A 201 1.79 -0.16 14.02
C PRO A 201 1.47 0.49 15.37
N PRO A 202 1.15 1.79 15.36
CA PRO A 202 0.89 2.58 16.58
C PRO A 202 -0.25 2.02 17.43
N PHE A 203 -1.12 1.22 16.82
CA PHE A 203 -2.31 0.73 17.51
C PHE A 203 -2.41 -0.79 17.46
N GLU A 204 -1.27 -1.45 17.24
CA GLU A 204 -1.22 -2.91 17.19
C GLU A 204 -1.70 -3.51 18.50
N ALA A 205 -2.36 -4.66 18.42
CA ALA A 205 -2.94 -5.28 19.59
C ALA A 205 -3.21 -6.77 19.37
N ASN A 206 -3.67 -7.45 20.41
CA ASN A 206 -4.02 -8.86 20.31
C ASN A 206 -5.51 -9.02 20.03
N THR A 207 -6.23 -7.91 19.96
CA THR A 207 -7.68 -7.95 19.82
C THR A 207 -8.20 -6.88 18.85
N TYR A 208 -9.08 -7.31 17.95
CA TYR A 208 -9.80 -6.41 17.05
C TYR A 208 -10.51 -5.30 17.81
N GLN A 209 -11.34 -5.72 18.77
CA GLN A 209 -12.14 -4.79 19.56
C GLN A 209 -11.29 -3.75 20.29
N GLU A 210 -10.10 -4.17 20.70
CA GLU A 210 -9.20 -3.26 21.42
C GLU A 210 -8.47 -2.32 20.47
N THR A 211 -8.04 -2.85 19.33
CA THR A 211 -7.41 -2.03 18.30
C THR A 211 -8.38 -0.93 17.86
N TYR A 212 -9.66 -1.27 17.83
CA TYR A 212 -10.72 -0.33 17.52
C TYR A 212 -10.71 0.85 18.48
N LYS A 213 -10.52 0.57 19.77
CA LYS A 213 -10.51 1.61 20.79
C LYS A 213 -9.31 2.54 20.64
N ARG A 214 -8.13 1.95 20.47
CA ARG A 214 -6.90 2.73 20.40
C ARG A 214 -6.85 3.64 19.16
N ILE A 215 -7.54 3.22 18.10
CA ILE A 215 -7.62 4.04 16.89
C ILE A 215 -8.59 5.20 17.09
N SER A 216 -9.77 4.89 17.60
CA SER A 216 -10.81 5.87 17.83
C SER A 216 -10.36 6.95 18.81
N ARG A 217 -9.59 6.55 19.81
CA ARG A 217 -9.07 7.49 20.81
C ARG A 217 -7.76 8.11 20.35
N VAL A 218 -7.24 7.61 19.24
CA VAL A 218 -5.90 7.94 18.76
C VAL A 218 -4.91 7.70 19.92
N GLU A 219 -5.04 6.54 20.54
CA GLU A 219 -4.25 6.20 21.72
C GLU A 219 -2.98 5.45 21.35
N PHE A 220 -1.87 6.16 21.31
CA PHE A 220 -0.58 5.56 21.01
C PHE A 220 0.54 6.35 21.67
N THR A 221 1.70 5.71 21.84
CA THR A 221 2.85 6.37 22.44
C THR A 221 4.09 6.20 21.58
N PHE A 222 5.04 7.12 21.72
CA PHE A 222 6.30 7.04 21.01
C PHE A 222 7.38 6.41 21.87
N PRO A 223 8.19 5.52 21.28
CA PRO A 223 9.40 5.02 21.96
C PRO A 223 10.41 6.14 22.20
N ASP A 224 11.50 5.84 22.88
CA ASP A 224 12.48 6.88 23.20
C ASP A 224 13.34 7.26 22.00
N PHE A 225 13.55 6.32 21.08
CA PHE A 225 14.50 6.54 19.99
C PHE A 225 13.92 7.31 18.81
N VAL A 226 12.60 7.44 18.74
CA VAL A 226 11.99 8.22 17.67
C VAL A 226 12.10 9.71 17.98
N THR A 227 12.67 10.46 17.05
CA THR A 227 13.04 11.84 17.29
C THR A 227 11.90 12.84 17.08
N GLU A 228 12.10 14.07 17.56
CA GLU A 228 11.20 15.15 17.26
C GLU A 228 11.34 15.49 15.79
N GLY A 229 10.24 15.89 15.15
CA GLY A 229 10.22 16.06 13.71
C GLY A 229 9.63 14.80 13.10
N ALA A 230 10.10 13.65 13.59
CA ALA A 230 9.47 12.38 13.26
C ALA A 230 8.20 12.24 14.08
N ARG A 231 8.29 12.60 15.36
CA ARG A 231 7.13 12.66 16.23
C ARG A 231 6.17 13.73 15.74
N ASP A 232 6.72 14.84 15.27
CA ASP A 232 5.92 15.98 14.82
C ASP A 232 5.07 15.62 13.60
N LEU A 233 5.70 15.02 12.59
CA LEU A 233 5.00 14.65 11.37
C LEU A 233 3.90 13.62 11.64
N ILE A 234 4.25 12.60 12.41
CA ILE A 234 3.31 11.52 12.74
C ILE A 234 2.14 12.06 13.57
N SER A 235 2.42 13.00 14.45
CA SER A 235 1.38 13.60 15.27
C SER A 235 0.41 14.45 14.44
N ARG A 236 0.92 15.03 13.36
CA ARG A 236 0.09 15.85 12.49
C ARG A 236 -0.71 14.99 11.52
N LEU A 237 -0.15 13.85 11.13
CA LEU A 237 -0.83 12.93 10.22
C LEU A 237 -1.91 12.12 10.94
N LEU A 238 -1.65 11.79 12.20
CA LEU A 238 -2.58 10.95 12.96
C LEU A 238 -3.59 11.77 13.74
N LYS A 239 -4.08 12.86 13.16
CA LYS A 239 -5.15 13.63 13.78
C LYS A 239 -6.48 12.91 13.60
N HIS A 240 -7.30 12.90 14.66
CA HIS A 240 -8.59 12.24 14.61
C HIS A 240 -9.50 12.89 13.57
N ASN A 241 -9.64 14.21 13.67
CA ASN A 241 -10.40 14.97 12.69
C ASN A 241 -9.61 15.09 11.38
N PRO A 242 -10.17 14.55 10.29
CA PRO A 242 -9.51 14.51 8.98
C PRO A 242 -9.09 15.88 8.48
N SER A 243 -9.87 16.91 8.80
CA SER A 243 -9.58 18.27 8.35
C SER A 243 -8.27 18.80 8.93
N GLN A 244 -7.89 18.31 10.09
CA GLN A 244 -6.66 18.72 10.74
C GLN A 244 -5.44 18.12 10.06
N ARG A 245 -5.64 17.01 9.36
CA ARG A 245 -4.55 16.35 8.64
C ARG A 245 -4.05 17.25 7.51
N PRO A 246 -2.72 17.32 7.35
CA PRO A 246 -2.09 18.18 6.34
C PRO A 246 -2.39 17.76 4.91
N MET A 247 -1.77 18.43 3.95
CA MET A 247 -1.86 18.03 2.56
C MET A 247 -0.57 17.32 2.16
N LEU A 248 -0.62 16.56 1.08
CA LEU A 248 0.55 15.80 0.62
C LEU A 248 1.67 16.74 0.16
N ARG A 249 1.29 17.96 -0.23
CA ARG A 249 2.27 18.96 -0.60
C ARG A 249 3.00 19.47 0.65
N GLU A 250 2.28 19.51 1.76
CA GLU A 250 2.85 19.98 3.03
C GLU A 250 3.74 18.92 3.65
N VAL A 251 3.35 17.65 3.49
CA VAL A 251 4.14 16.53 3.99
C VAL A 251 5.47 16.44 3.28
N LEU A 252 5.44 16.65 1.96
CA LEU A 252 6.65 16.59 1.15
C LEU A 252 7.61 17.72 1.45
N GLU A 253 7.10 18.78 2.06
CA GLU A 253 7.91 19.94 2.41
C GLU A 253 8.22 19.98 3.90
N HIS A 254 7.90 18.89 4.60
CA HIS A 254 8.14 18.82 6.04
C HIS A 254 9.63 18.68 6.33
N PRO A 255 10.17 19.56 7.21
CA PRO A 255 11.57 19.62 7.64
C PRO A 255 12.22 18.26 7.84
N TRP A 256 11.55 17.37 8.56
CA TRP A 256 12.10 16.05 8.86
C TRP A 256 12.22 15.19 7.59
N ILE A 257 11.25 15.33 6.69
CA ILE A 257 11.27 14.61 5.43
C ILE A 257 12.38 15.12 4.52
N THR A 258 12.37 16.42 4.25
CA THR A 258 13.31 17.03 3.32
C THR A 258 14.77 16.91 3.78
N ALA A 259 14.97 16.62 5.06
CA ALA A 259 16.32 16.51 5.60
C ALA A 259 16.84 15.07 5.59
N ASN A 260 15.95 14.12 5.31
CA ASN A 260 16.33 12.72 5.31
C ASN A 260 15.95 11.97 4.03
N SER A 261 15.02 12.53 3.26
CA SER A 261 14.57 11.88 2.04
C SER A 261 15.64 11.94 0.94
N SER A 262 15.88 10.80 0.31
CA SER A 262 16.86 10.72 -0.77
C SER A 262 16.18 10.93 -2.13
N LYS A 263 14.85 11.03 -2.10
CA LYS A 263 14.08 11.22 -3.34
C LYS A 263 13.36 12.55 -3.34
N PRO A 264 13.38 13.25 -4.48
CA PRO A 264 12.68 14.53 -4.63
C PRO A 264 11.20 14.37 -4.92
N SER A 265 10.45 15.46 -4.90
CA SER A 265 9.03 15.43 -5.20
C SER A 265 8.78 15.63 -6.69
#